data_4BA9
#
_entry.id   4BA9
#
_cell.length_a   105.750
_cell.length_b   105.750
_cell.length_c   424.270
_cell.angle_alpha   90.00
_cell.angle_beta   90.00
_cell.angle_gamma   120.00
#
_symmetry.space_group_name_H-M   'H 3 2'
#
loop_
_entity.id
_entity.type
_entity.pdbx_description
1 polymer 'DNA POLYMERASE KAPPA, DNA REPAIR PROTEIN REV1'
2 non-polymer 'MAGNESIUM ION'
3 non-polymer 'NICKEL (II) ION'
4 water water
#
_entity_poly.entity_id   1
_entity_poly.type   'polypeptide(L)'
_entity_poly.pdbx_seq_one_letter_code
;GPHMHKKSFFDKKRSERGSDAGSAGDGASNLAGAVEFNDVKTLLREWITTISDPMEEDILQVVKYCTDLIEEKDLEKLDL
VIKYMKRLMQQSVESVWNMAFDFILDNVQVVLQQ
;
_entity_poly.pdbx_strand_id   A,B,C,D,E,F
#
loop_
_chem_comp.id
_chem_comp.type
_chem_comp.name
_chem_comp.formula
MG non-polymer 'MAGNESIUM ION' 'Mg 2'
NI non-polymer 'NICKEL (II) ION' 'Ni 2'
#
# COMPACT_ATOMS: atom_id res chain seq x y z
N GLY A 1 28.48 -7.45 2.45
CA GLY A 1 28.92 -6.10 2.18
C GLY A 1 28.24 -5.09 3.09
N PRO A 2 28.46 -3.76 2.86
CA PRO A 2 27.87 -2.75 3.77
C PRO A 2 26.35 -2.82 3.76
N HIS A 3 25.75 -2.52 4.92
CA HIS A 3 24.31 -2.63 5.11
C HIS A 3 23.79 -1.67 6.19
N MET A 4 22.48 -1.36 6.13
CA MET A 4 21.77 -0.52 7.07
C MET A 4 20.73 -1.35 7.82
N HIS A 5 20.49 -1.03 9.10
CA HIS A 5 19.51 -1.78 9.87
C HIS A 5 18.24 -0.95 10.06
N LYS A 6 17.12 -1.43 9.50
CA LYS A 6 15.82 -0.82 9.62
C LYS A 6 15.11 -1.52 10.80
N LYS A 7 15.09 -0.88 11.98
CA LYS A 7 14.50 -1.44 13.19
C LYS A 7 13.10 -0.89 13.41
N SER A 8 12.09 -1.79 13.47
CA SER A 8 10.71 -1.36 13.68
C SER A 8 10.51 -0.95 15.14
N PHE A 9 10.12 0.32 15.35
CA PHE A 9 9.87 0.89 16.66
C PHE A 9 8.73 0.16 17.35
N PHE A 10 7.60 -0.01 16.64
CA PHE A 10 6.41 -0.63 17.19
C PHE A 10 6.63 -2.12 17.46
N ASP A 11 7.48 -2.80 16.67
CA ASP A 11 7.80 -4.20 16.93
C ASP A 11 8.55 -4.35 18.27
N LYS A 12 9.54 -3.44 18.52
CA LYS A 12 10.34 -3.36 19.74
C LYS A 12 9.43 -3.16 20.96
N LYS A 13 8.56 -2.13 20.91
CA LYS A 13 7.64 -1.77 21.98
C LYS A 13 6.64 -2.92 22.27
N ARG A 14 6.16 -3.62 21.23
CA ARG A 14 5.26 -4.78 21.40
C ARG A 14 5.99 -5.94 22.10
N SER A 15 7.27 -6.13 21.74
CA SER A 15 8.16 -7.15 22.28
C SER A 15 8.49 -6.89 23.76
N GLU A 16 8.55 -5.59 24.16
CA GLU A 16 8.84 -5.12 25.52
C GLU A 16 7.62 -5.27 26.50
N ARG A 17 6.38 -5.36 25.98
CA ARG A 17 5.16 -5.47 26.80
C ARG A 17 4.85 -6.93 27.11
N ALA A 28 -10.61 -4.67 20.65
CA ALA A 28 -9.31 -5.34 20.60
C ALA A 28 -8.27 -4.53 19.78
N SER A 29 -8.67 -3.37 19.21
CA SER A 29 -7.80 -2.50 18.39
C SER A 29 -6.64 -1.90 19.20
N ASN A 30 -5.42 -2.33 18.84
CA ASN A 30 -4.20 -1.95 19.53
C ASN A 30 -3.09 -1.50 18.58
N LEU A 31 -2.23 -0.61 19.10
CA LEU A 31 -1.01 -0.14 18.43
C LEU A 31 0.15 -0.64 19.27
N ALA A 32 0.91 -1.63 18.75
CA ALA A 32 2.04 -2.28 19.43
C ALA A 32 1.63 -2.87 20.80
N GLY A 33 0.38 -3.33 20.87
CA GLY A 33 -0.19 -3.90 22.09
C GLY A 33 -1.06 -2.94 22.89
N ALA A 34 -0.76 -1.62 22.84
CA ALA A 34 -1.46 -0.55 23.57
C ALA A 34 -2.88 -0.35 23.06
N VAL A 35 -3.87 -0.47 23.98
CA VAL A 35 -5.29 -0.33 23.65
C VAL A 35 -5.83 1.05 24.07
N GLU A 36 -5.57 1.46 25.33
CA GLU A 36 -6.07 2.74 25.88
C GLU A 36 -5.36 3.93 25.25
N PHE A 37 -6.12 5.00 24.99
CA PHE A 37 -5.63 6.21 24.33
C PHE A 37 -4.39 6.85 24.99
N ASN A 38 -4.29 6.84 26.33
CA ASN A 38 -3.13 7.42 27.02
C ASN A 38 -1.86 6.61 26.71
N ASP A 39 -2.00 5.27 26.55
CA ASP A 39 -0.90 4.36 26.21
C ASP A 39 -0.47 4.57 24.76
N VAL A 40 -1.47 4.68 23.85
CA VAL A 40 -1.27 4.89 22.41
C VAL A 40 -0.55 6.24 22.18
N LYS A 41 -1.00 7.35 22.86
CA LYS A 41 -0.37 8.66 22.67
C LYS A 41 1.06 8.69 23.23
N THR A 42 1.36 7.86 24.25
CA THR A 42 2.70 7.75 24.84
C THR A 42 3.65 7.14 23.78
N LEU A 43 3.18 6.07 23.08
CA LEU A 43 3.89 5.38 22.00
C LEU A 43 4.15 6.31 20.83
N LEU A 44 3.12 7.05 20.40
CA LEU A 44 3.20 7.97 19.27
C LEU A 44 4.14 9.12 19.58
N ARG A 45 4.13 9.62 20.86
CA ARG A 45 5.04 10.68 21.31
C ARG A 45 6.47 10.20 21.24
N GLU A 46 6.76 9.01 21.82
CA GLU A 46 8.10 8.40 21.82
C GLU A 46 8.56 8.13 20.38
N TRP A 47 7.65 7.71 19.49
CA TRP A 47 7.98 7.43 18.10
C TRP A 47 8.43 8.72 17.37
N ILE A 48 7.59 9.75 17.37
CA ILE A 48 7.79 11.01 16.65
C ILE A 48 8.97 11.82 17.23
N THR A 49 9.11 11.85 18.55
CA THR A 49 10.15 12.64 19.22
C THR A 49 11.51 11.93 19.36
N THR A 50 11.53 10.58 19.32
CA THR A 50 12.76 9.78 19.48
C THR A 50 13.39 9.39 18.15
N ILE A 51 12.58 9.01 17.15
CA ILE A 51 13.05 8.53 15.85
C ILE A 51 13.15 9.68 14.86
N SER A 52 14.27 9.72 14.16
CA SER A 52 14.58 10.77 13.17
C SER A 52 14.02 10.42 11.80
N ASP A 53 14.11 9.12 11.38
CA ASP A 53 13.57 8.63 10.11
C ASP A 53 12.50 7.56 10.36
N PRO A 54 11.19 7.88 10.21
CA PRO A 54 10.16 6.84 10.39
C PRO A 54 10.28 5.73 9.34
N MET A 55 10.09 4.49 9.78
CA MET A 55 10.16 3.32 8.92
C MET A 55 8.81 3.03 8.29
N GLU A 56 8.82 2.59 7.01
CA GLU A 56 7.63 2.24 6.26
C GLU A 56 6.73 1.25 7.06
N GLU A 57 7.34 0.22 7.66
CA GLU A 57 6.63 -0.78 8.46
C GLU A 57 5.82 -0.14 9.58
N ASP A 58 6.45 0.78 10.33
CA ASP A 58 5.84 1.47 11.46
C ASP A 58 4.72 2.39 11.00
N ILE A 59 4.95 3.14 9.89
CA ILE A 59 3.90 3.99 9.30
C ILE A 59 2.69 3.12 8.94
N LEU A 60 2.93 1.97 8.28
CA LEU A 60 1.85 1.06 7.88
C LEU A 60 1.19 0.37 9.08
N GLN A 61 1.91 0.20 10.19
CA GLN A 61 1.37 -0.38 11.42
C GLN A 61 0.39 0.61 12.07
N VAL A 62 0.65 1.93 11.91
CA VAL A 62 -0.19 3.01 12.44
C VAL A 62 -1.47 3.06 11.59
N VAL A 63 -1.33 3.04 10.23
CA VAL A 63 -2.44 3.02 9.27
C VAL A 63 -3.36 1.83 9.61
N LYS A 64 -2.80 0.62 9.86
CA LYS A 64 -3.62 -0.54 10.23
C LYS A 64 -4.39 -0.30 11.53
N TYR A 65 -3.74 0.26 12.57
CA TYR A 65 -4.40 0.57 13.85
C TYR A 65 -5.64 1.46 13.58
N CYS A 66 -5.44 2.57 12.84
CA CYS A 66 -6.50 3.50 12.48
C CYS A 66 -7.63 2.80 11.72
N THR A 67 -7.32 1.95 10.73
CA THR A 67 -8.37 1.26 9.95
C THR A 67 -9.08 0.19 10.80
N ASP A 68 -8.38 -0.35 11.82
CA ASP A 68 -8.95 -1.30 12.76
C ASP A 68 -9.94 -0.57 13.67
N LEU A 69 -9.66 0.71 13.97
CA LEU A 69 -10.55 1.56 14.77
C LEU A 69 -11.84 1.79 13.99
N ILE A 70 -11.71 2.10 12.67
CA ILE A 70 -12.82 2.31 11.74
C ILE A 70 -13.67 1.02 11.70
N GLU A 71 -13.00 -0.15 11.64
CA GLU A 71 -13.61 -1.48 11.61
C GLU A 71 -14.47 -1.77 12.85
N GLU A 72 -14.02 -1.33 14.06
CA GLU A 72 -14.80 -1.54 15.30
C GLU A 72 -15.67 -0.30 15.63
N LYS A 73 -15.86 0.59 14.64
CA LYS A 73 -16.68 1.81 14.65
C LYS A 73 -16.30 2.84 15.77
N ASP A 74 -15.11 2.71 16.39
CA ASP A 74 -14.64 3.64 17.43
C ASP A 74 -14.05 4.90 16.77
N LEU A 75 -14.92 5.73 16.15
CA LEU A 75 -14.52 6.96 15.45
C LEU A 75 -14.13 8.08 16.42
N GLU A 76 -14.44 7.90 17.73
CA GLU A 76 -14.08 8.82 18.81
C GLU A 76 -12.58 8.75 19.01
N LYS A 77 -12.06 7.52 19.25
CA LYS A 77 -10.64 7.23 19.45
C LYS A 77 -9.83 7.64 18.23
N LEU A 78 -10.32 7.31 17.02
CA LEU A 78 -9.70 7.65 15.74
C LEU A 78 -9.46 9.17 15.62
N ASP A 79 -10.46 10.00 15.99
CA ASP A 79 -10.36 11.46 15.94
C ASP A 79 -9.25 11.95 16.89
N LEU A 80 -9.15 11.34 18.09
CA LEU A 80 -8.15 11.68 19.09
C LEU A 80 -6.75 11.35 18.57
N VAL A 81 -6.59 10.13 18.00
CA VAL A 81 -5.36 9.59 17.44
C VAL A 81 -4.87 10.50 16.29
N ILE A 82 -5.75 10.84 15.34
CA ILE A 82 -5.39 11.67 14.18
C ILE A 82 -5.02 13.09 14.60
N LYS A 83 -5.84 13.72 15.48
CA LYS A 83 -5.62 15.09 15.95
C LYS A 83 -4.27 15.21 16.69
N TYR A 84 -3.93 14.18 17.48
CA TYR A 84 -2.68 14.10 18.23
C TYR A 84 -1.48 14.00 17.28
N MET A 85 -1.57 13.09 16.28
CA MET A 85 -0.53 12.88 15.26
C MET A 85 -0.37 14.13 14.42
N LYS A 86 -1.48 14.81 14.08
CA LYS A 86 -1.43 16.05 13.31
C LYS A 86 -0.53 17.06 14.01
N ARG A 87 -0.80 17.30 15.32
CA ARG A 87 -0.04 18.21 16.18
C ARG A 87 1.45 17.88 16.16
N LEU A 88 1.84 16.70 16.67
CA LEU A 88 3.22 16.24 16.79
C LEU A 88 3.98 16.16 15.46
N MET A 89 3.41 15.49 14.44
CA MET A 89 4.08 15.31 13.16
C MET A 89 4.19 16.61 12.36
N GLN A 90 3.21 17.53 12.45
CA GLN A 90 3.29 18.80 11.71
C GLN A 90 4.21 19.79 12.45
N GLN A 91 4.37 19.62 13.79
CA GLN A 91 5.30 20.39 14.63
C GLN A 91 6.75 20.15 14.21
N SER A 92 7.04 18.92 13.73
CA SER A 92 8.36 18.46 13.33
C SER A 92 9.01 19.32 12.24
N VAL A 93 10.32 19.49 12.38
CA VAL A 93 11.21 20.24 11.48
C VAL A 93 11.55 19.35 10.29
N GLU A 94 11.49 18.01 10.50
CA GLU A 94 11.82 16.98 9.52
C GLU A 94 10.65 16.74 8.55
N SER A 95 10.93 16.89 7.25
CA SER A 95 9.99 16.71 6.16
C SER A 95 9.44 15.28 6.11
N VAL A 96 10.27 14.28 6.48
CA VAL A 96 9.91 12.87 6.55
C VAL A 96 8.71 12.65 7.47
N TRP A 97 8.62 13.43 8.56
CA TRP A 97 7.51 13.27 9.49
C TRP A 97 6.27 13.99 8.98
N ASN A 98 6.47 15.06 8.20
CA ASN A 98 5.37 15.81 7.59
C ASN A 98 4.71 14.93 6.54
N MET A 99 5.55 14.30 5.69
CA MET A 99 5.13 13.37 4.64
C MET A 99 4.50 12.10 5.22
N ALA A 100 5.02 11.60 6.38
CA ALA A 100 4.46 10.43 7.05
C ALA A 100 3.05 10.69 7.51
N PHE A 101 2.76 11.93 7.98
CA PHE A 101 1.40 12.31 8.40
C PHE A 101 0.46 12.33 7.19
N ASP A 102 0.85 13.04 6.10
CA ASP A 102 0.04 13.11 4.89
C ASP A 102 -0.37 11.69 4.44
N PHE A 103 0.62 10.76 4.34
CA PHE A 103 0.37 9.37 3.98
C PHE A 103 -0.65 8.71 4.93
N ILE A 104 -0.47 8.85 6.25
CA ILE A 104 -1.37 8.23 7.23
C ILE A 104 -2.79 8.79 7.03
N LEU A 105 -2.92 10.13 6.99
CA LEU A 105 -4.18 10.83 6.82
C LEU A 105 -4.86 10.41 5.52
N ASP A 106 -4.19 10.59 4.37
CA ASP A 106 -4.71 10.25 3.05
C ASP A 106 -5.23 8.79 2.99
N ASN A 107 -4.52 7.85 3.61
CA ASN A 107 -4.92 6.44 3.62
C ASN A 107 -6.06 6.15 4.58
N VAL A 108 -6.24 6.99 5.60
CA VAL A 108 -7.33 6.85 6.58
C VAL A 108 -8.61 7.44 5.96
N GLN A 109 -8.48 8.60 5.29
CA GLN A 109 -9.57 9.29 4.62
C GLN A 109 -10.27 8.40 3.60
N VAL A 110 -9.48 7.64 2.81
CA VAL A 110 -9.92 6.67 1.81
C VAL A 110 -10.88 5.66 2.44
N VAL A 111 -10.49 5.07 3.59
CA VAL A 111 -11.32 4.07 4.28
C VAL A 111 -12.58 4.74 4.89
N LEU A 112 -12.45 6.00 5.34
CA LEU A 112 -13.56 6.76 5.91
C LEU A 112 -14.61 7.12 4.84
N GLN A 113 -14.12 7.50 3.64
CA GLN A 113 -14.91 7.89 2.49
C GLN A 113 -15.62 6.70 1.79
N GLN A 114 -15.22 5.44 2.08
CA GLN A 114 -15.85 4.23 1.49
C GLN A 114 -17.32 4.20 1.84
N GLY B 1 24.40 -5.60 12.91
CA GLY B 1 24.04 -6.99 13.16
C GLY B 1 23.93 -7.80 11.88
N PRO B 2 23.44 -9.08 11.99
CA PRO B 2 23.32 -9.93 10.79
C PRO B 2 22.37 -9.31 9.77
N HIS B 3 22.63 -9.58 8.49
CA HIS B 3 21.91 -8.95 7.38
C HIS B 3 21.93 -9.80 6.11
N MET B 4 20.95 -9.57 5.21
CA MET B 4 20.82 -10.25 3.91
C MET B 4 20.98 -9.24 2.79
N HIS B 5 21.59 -9.65 1.70
CA HIS B 5 21.78 -8.79 0.55
C HIS B 5 20.83 -9.20 -0.58
N LYS B 6 19.98 -8.26 -0.97
CA LYS B 6 19.04 -8.44 -2.09
C LYS B 6 19.69 -7.85 -3.34
N LYS B 7 20.27 -8.69 -4.21
CA LYS B 7 21.02 -8.21 -5.40
C LYS B 7 20.16 -8.18 -6.66
N SER B 8 20.09 -7.03 -7.33
CA SER B 8 19.27 -6.89 -8.52
C SER B 8 20.00 -7.40 -9.77
N PHE B 9 19.42 -8.41 -10.42
CA PHE B 9 19.92 -8.99 -11.65
C PHE B 9 19.89 -7.98 -12.78
N PHE B 10 18.73 -7.30 -12.97
CA PHE B 10 18.55 -6.34 -14.06
C PHE B 10 19.42 -5.09 -13.86
N ASP B 11 19.70 -4.70 -12.61
CA ASP B 11 20.61 -3.58 -12.34
C ASP B 11 22.03 -3.92 -12.83
N LYS B 12 22.50 -5.15 -12.56
CA LYS B 12 23.81 -5.69 -12.95
C LYS B 12 23.93 -5.68 -14.48
N LYS B 13 22.94 -6.30 -15.18
CA LYS B 13 22.90 -6.38 -16.63
C LYS B 13 22.86 -5.00 -17.30
N ARG B 14 22.12 -4.03 -16.72
CA ARG B 14 22.06 -2.67 -17.24
C ARG B 14 23.43 -1.99 -17.08
N SER B 15 24.12 -2.25 -15.95
CA SER B 15 25.45 -1.74 -15.60
C SER B 15 26.53 -2.29 -16.54
N GLU B 16 26.37 -3.56 -17.00
CA GLU B 16 27.27 -4.28 -17.91
C GLU B 16 27.16 -3.81 -19.37
N ARG B 17 26.09 -3.05 -19.69
CA ARG B 17 25.88 -2.52 -21.03
C ARG B 17 26.18 -1.01 -21.00
N ALA B 28 10.69 3.51 -26.74
CA ALA B 28 11.82 3.59 -25.81
C ALA B 28 11.70 2.54 -24.68
N SER B 29 10.66 1.67 -24.74
CA SER B 29 10.43 0.61 -23.75
C SER B 29 11.62 -0.36 -23.72
N ASN B 30 12.28 -0.46 -22.54
CA ASN B 30 13.41 -1.35 -22.35
C ASN B 30 13.40 -2.07 -20.99
N LEU B 31 13.98 -3.27 -21.00
CA LEU B 31 14.21 -4.09 -19.83
C LEU B 31 15.73 -4.18 -19.64
N ALA B 32 16.28 -3.52 -18.61
CA ALA B 32 17.72 -3.44 -18.30
C ALA B 32 18.54 -2.92 -19.51
N GLY B 33 17.91 -2.02 -20.28
CA GLY B 33 18.47 -1.42 -21.48
C GLY B 33 18.03 -2.06 -22.79
N ALA B 34 17.71 -3.37 -22.78
CA ALA B 34 17.30 -4.16 -23.95
C ALA B 34 15.94 -3.73 -24.50
N VAL B 35 15.89 -3.37 -25.80
CA VAL B 35 14.68 -2.91 -26.48
C VAL B 35 14.10 -4.03 -27.38
N GLU B 36 14.93 -4.66 -28.23
CA GLU B 36 14.49 -5.69 -29.17
C GLU B 36 14.12 -6.99 -28.46
N PHE B 37 13.06 -7.68 -28.94
CA PHE B 37 12.52 -8.89 -28.33
C PHE B 37 13.55 -10.01 -28.14
N ASN B 38 14.47 -10.21 -29.10
CA ASN B 38 15.49 -11.25 -28.97
C ASN B 38 16.45 -10.94 -27.80
N ASP B 39 16.74 -9.65 -27.55
CA ASP B 39 17.59 -9.20 -26.45
C ASP B 39 16.88 -9.37 -25.10
N VAL B 40 15.59 -8.99 -25.06
CA VAL B 40 14.72 -9.07 -23.89
C VAL B 40 14.58 -10.55 -23.49
N LYS B 41 14.29 -11.47 -24.46
CA LYS B 41 14.12 -12.90 -24.13
C LYS B 41 15.44 -13.54 -23.66
N THR B 42 16.61 -13.01 -24.10
CA THR B 42 17.93 -13.48 -23.68
C THR B 42 18.12 -13.14 -22.18
N LEU B 43 17.74 -11.91 -21.78
CA LEU B 43 17.78 -11.41 -20.40
C LEU B 43 16.85 -12.21 -19.48
N LEU B 44 15.59 -12.46 -19.95
CA LEU B 44 14.59 -13.19 -19.20
C LEU B 44 15.01 -14.63 -19.02
N ARG B 45 15.62 -15.25 -20.06
CA ARG B 45 16.16 -16.61 -20.01
C ARG B 45 17.26 -16.70 -18.97
N GLU B 46 18.24 -15.78 -19.02
CA GLU B 46 19.35 -15.74 -18.06
C GLU B 46 18.83 -15.51 -16.64
N TRP B 47 17.80 -14.65 -16.47
CA TRP B 47 17.24 -14.37 -15.16
C TRP B 47 16.63 -15.62 -14.54
N ILE B 48 15.68 -16.25 -15.24
CA ILE B 48 14.89 -17.39 -14.76
C ILE B 48 15.74 -18.65 -14.59
N THR B 49 16.67 -18.90 -15.53
CA THR B 49 17.50 -20.11 -15.52
C THR B 49 18.78 -19.99 -14.67
N THR B 50 19.25 -18.76 -14.35
CA THR B 50 20.47 -18.52 -13.59
C THR B 50 20.21 -18.23 -12.13
N ILE B 51 19.14 -17.47 -11.81
CA ILE B 51 18.84 -17.01 -10.43
C ILE B 51 17.88 -17.97 -9.77
N SER B 52 18.19 -18.28 -8.54
CA SER B 52 17.45 -19.21 -7.70
C SER B 52 16.28 -18.55 -6.98
N ASP B 53 16.50 -17.32 -6.44
CA ASP B 53 15.46 -16.55 -5.74
C ASP B 53 15.30 -15.19 -6.44
N PRO B 54 14.20 -14.98 -7.20
CA PRO B 54 13.95 -13.66 -7.81
C PRO B 54 13.70 -12.57 -6.77
N MET B 55 14.33 -11.40 -6.99
CA MET B 55 14.22 -10.28 -6.10
C MET B 55 13.01 -9.42 -6.45
N GLU B 56 12.34 -8.87 -5.43
CA GLU B 56 11.17 -7.98 -5.58
C GLU B 56 11.45 -6.86 -6.61
N GLU B 57 12.61 -6.19 -6.50
CA GLU B 57 13.03 -5.12 -7.40
C GLU B 57 13.00 -5.56 -8.85
N ASP B 58 13.57 -6.75 -9.15
CA ASP B 58 13.65 -7.29 -10.51
C ASP B 58 12.28 -7.64 -11.03
N ILE B 59 11.43 -8.26 -10.19
CA ILE B 59 10.04 -8.57 -10.56
C ILE B 59 9.32 -7.25 -10.91
N LEU B 60 9.46 -6.21 -10.07
CA LEU B 60 8.83 -4.92 -10.32
C LEU B 60 9.42 -4.19 -11.53
N GLN B 61 10.69 -4.44 -11.87
CA GLN B 61 11.34 -3.85 -13.05
C GLN B 61 10.75 -4.48 -14.33
N VAL B 62 10.35 -5.77 -14.26
CA VAL B 62 9.74 -6.51 -15.37
C VAL B 62 8.32 -5.95 -15.57
N VAL B 63 7.54 -5.83 -14.47
CA VAL B 63 6.18 -5.26 -14.48
C VAL B 63 6.23 -3.86 -15.13
N LYS B 64 7.21 -2.99 -14.75
CA LYS B 64 7.33 -1.66 -15.37
C LYS B 64 7.58 -1.76 -16.87
N TYR B 65 8.51 -2.63 -17.31
CA TYR B 65 8.77 -2.80 -18.74
C TYR B 65 7.49 -3.14 -19.48
N CYS B 66 6.73 -4.13 -18.94
CA CYS B 66 5.49 -4.61 -19.51
C CYS B 66 4.41 -3.51 -19.58
N THR B 67 4.31 -2.65 -18.54
CA THR B 67 3.34 -1.55 -18.52
C THR B 67 3.80 -0.42 -19.45
N ASP B 68 5.12 -0.29 -19.69
CA ASP B 68 5.67 0.68 -20.61
C ASP B 68 5.31 0.25 -22.05
N LEU B 69 5.24 -1.07 -22.30
CA LEU B 69 4.85 -1.63 -23.60
C LEU B 69 3.40 -1.27 -23.86
N ILE B 70 2.53 -1.44 -22.83
CA ILE B 70 1.10 -1.12 -22.86
C ILE B 70 0.95 0.38 -23.19
N GLU B 71 1.78 1.23 -22.53
CA GLU B 71 1.81 2.68 -22.70
C GLU B 71 2.13 3.10 -24.15
N GLU B 72 3.05 2.40 -24.84
CA GLU B 72 3.39 2.71 -26.24
C GLU B 72 2.56 1.85 -27.24
N LYS B 73 1.47 1.22 -26.73
CA LYS B 73 0.48 0.40 -27.43
C LYS B 73 1.08 -0.82 -28.20
N ASP B 74 2.33 -1.24 -27.87
CA ASP B 74 2.96 -2.40 -28.50
C ASP B 74 2.48 -3.68 -27.80
N LEU B 75 1.19 -4.03 -27.98
CA LEU B 75 0.55 -5.21 -27.39
C LEU B 75 1.03 -6.52 -28.04
N GLU B 76 1.71 -6.41 -29.20
CA GLU B 76 2.28 -7.54 -29.93
C GLU B 76 3.46 -8.07 -29.14
N LYS B 77 4.43 -7.16 -28.82
CA LYS B 77 5.63 -7.45 -28.03
C LYS B 77 5.26 -7.97 -26.66
N LEU B 78 4.29 -7.32 -26.00
CA LEU B 78 3.78 -7.69 -24.68
C LEU B 78 3.30 -9.16 -24.64
N ASP B 79 2.54 -9.59 -25.66
CA ASP B 79 2.03 -10.95 -25.75
C ASP B 79 3.18 -11.97 -25.87
N LEU B 80 4.23 -11.60 -26.65
CA LEU B 80 5.42 -12.43 -26.83
C LEU B 80 6.17 -12.59 -25.50
N VAL B 81 6.38 -11.45 -24.79
CA VAL B 81 7.07 -11.33 -23.51
C VAL B 81 6.35 -12.21 -22.45
N ILE B 82 5.03 -12.06 -22.31
CA ILE B 82 4.24 -12.80 -21.33
C ILE B 82 4.23 -14.30 -21.62
N LYS B 83 4.00 -14.70 -22.90
CA LYS B 83 3.94 -16.10 -23.30
C LYS B 83 5.29 -16.82 -23.04
N TYR B 84 6.39 -16.09 -23.29
CA TYR B 84 7.75 -16.58 -23.06
C TYR B 84 8.01 -16.81 -21.56
N MET B 85 7.68 -15.81 -20.72
CA MET B 85 7.79 -15.87 -19.25
C MET B 85 6.91 -16.96 -18.67
N LYS B 86 5.69 -17.14 -19.23
CA LYS B 86 4.76 -18.19 -18.78
C LYS B 86 5.46 -19.54 -18.86
N ARG B 87 6.02 -19.84 -20.05
CA ARG B 87 6.74 -21.07 -20.34
C ARG B 87 7.88 -21.31 -19.31
N LEU B 88 8.89 -20.42 -19.30
CA LEU B 88 10.07 -20.53 -18.46
C LEU B 88 9.77 -20.57 -16.95
N MET B 89 8.98 -19.59 -16.44
CA MET B 89 8.68 -19.49 -15.00
C MET B 89 7.78 -20.62 -14.51
N GLN B 90 6.83 -21.11 -15.34
CA GLN B 90 5.95 -22.20 -14.90
C GLN B 90 6.68 -23.56 -15.00
N GLN B 91 7.74 -23.64 -15.85
CA GLN B 91 8.62 -24.82 -16.00
C GLN B 91 9.39 -25.07 -14.69
N SER B 92 9.70 -23.99 -13.94
CA SER B 92 10.46 -24.01 -12.70
C SER B 92 9.85 -24.86 -11.59
N VAL B 93 10.73 -25.52 -10.84
CA VAL B 93 10.42 -26.40 -9.70
C VAL B 93 10.18 -25.55 -8.44
N GLU B 94 10.77 -24.33 -8.45
CA GLU B 94 10.74 -23.36 -7.36
C GLU B 94 9.45 -22.57 -7.39
N SER B 95 8.73 -22.62 -6.26
CA SER B 95 7.45 -21.92 -6.06
C SER B 95 7.60 -20.41 -6.20
N VAL B 96 8.75 -19.85 -5.79
CA VAL B 96 9.09 -18.44 -5.88
C VAL B 96 8.97 -17.95 -7.33
N TRP B 97 9.35 -18.78 -8.32
CA TRP B 97 9.28 -18.38 -9.72
C TRP B 97 7.87 -18.50 -10.24
N ASN B 98 7.11 -19.44 -9.68
CA ASN B 98 5.72 -19.65 -10.07
C ASN B 98 4.91 -18.46 -9.59
N MET B 99 5.13 -18.05 -8.31
CA MET B 99 4.50 -16.89 -7.67
C MET B 99 4.91 -15.60 -8.33
N ALA B 100 6.19 -15.47 -8.77
CA ALA B 100 6.70 -14.30 -9.48
C ALA B 100 5.95 -14.10 -10.79
N PHE B 101 5.62 -15.20 -11.52
CA PHE B 101 4.86 -15.10 -12.76
C PHE B 101 3.44 -14.62 -12.47
N ASP B 102 2.74 -15.24 -11.50
CA ASP B 102 1.37 -14.86 -11.15
C ASP B 102 1.33 -13.37 -10.89
N PHE B 103 2.24 -12.85 -10.05
CA PHE B 103 2.34 -11.43 -9.73
C PHE B 103 2.53 -10.57 -11.01
N ILE B 104 3.47 -10.95 -11.90
CA ILE B 104 3.71 -10.18 -13.12
C ILE B 104 2.43 -10.17 -13.98
N LEU B 105 1.83 -11.34 -14.23
CA LEU B 105 0.62 -11.49 -15.02
C LEU B 105 -0.54 -10.68 -14.42
N ASP B 106 -0.89 -10.94 -13.14
CA ASP B 106 -1.96 -10.25 -12.43
C ASP B 106 -1.82 -8.72 -12.51
N ASN B 107 -0.59 -8.21 -12.39
CA ASN B 107 -0.34 -6.77 -12.42
C ASN B 107 -0.36 -6.21 -13.83
N VAL B 108 -0.15 -7.06 -14.86
CA VAL B 108 -0.20 -6.64 -16.26
C VAL B 108 -1.67 -6.62 -16.69
N GLN B 109 -2.46 -7.62 -16.27
CA GLN B 109 -3.89 -7.71 -16.57
C GLN B 109 -4.64 -6.46 -16.12
N VAL B 110 -4.32 -5.96 -14.90
CA VAL B 110 -4.87 -4.75 -14.27
C VAL B 110 -4.69 -3.54 -15.21
N VAL B 111 -3.48 -3.33 -15.72
CA VAL B 111 -3.16 -2.22 -16.62
C VAL B 111 -3.84 -2.44 -17.99
N LEU B 112 -3.98 -3.71 -18.44
CA LEU B 112 -4.65 -4.05 -19.70
C LEU B 112 -6.13 -3.77 -19.64
N GLN B 113 -6.75 -4.08 -18.48
CA GLN B 113 -8.16 -3.90 -18.17
C GLN B 113 -8.56 -2.41 -18.05
N GLN B 114 -7.60 -1.49 -17.81
CA GLN B 114 -7.86 -0.04 -17.72
C GLN B 114 -8.45 0.48 -19.04
N GLY C 1 -3.14 -3.89 0.06
CA GLY C 1 -3.36 -2.97 1.16
C GLY C 1 -2.57 -1.69 0.95
N PRO C 2 -2.59 -0.73 1.92
CA PRO C 2 -1.82 0.52 1.73
C PRO C 2 -0.32 0.24 1.60
N HIS C 3 0.37 1.06 0.81
CA HIS C 3 1.76 0.86 0.49
C HIS C 3 2.49 2.17 0.12
N MET C 4 3.83 2.17 0.28
CA MET C 4 4.74 3.26 -0.08
C MET C 4 5.65 2.82 -1.20
N HIS C 5 6.01 3.74 -2.11
CA HIS C 5 6.92 3.39 -3.20
C HIS C 5 8.31 3.97 -2.98
N LYS C 6 9.30 3.09 -2.83
CA LYS C 6 10.71 3.45 -2.64
C LYS C 6 11.38 3.41 -4.00
N LYS C 7 11.57 4.56 -4.65
CA LYS C 7 12.16 4.61 -5.99
C LYS C 7 13.65 4.97 -5.93
N SER C 8 14.51 4.17 -6.58
CA SER C 8 15.94 4.44 -6.63
C SER C 8 16.27 5.56 -7.63
N PHE C 9 16.85 6.65 -7.11
CA PHE C 9 17.25 7.80 -7.89
C PHE C 9 18.32 7.42 -8.91
N PHE C 10 19.37 6.71 -8.46
CA PHE C 10 20.49 6.33 -9.32
C PHE C 10 20.09 5.31 -10.36
N ASP C 11 19.10 4.46 -10.07
CA ASP C 11 18.58 3.50 -11.07
C ASP C 11 17.90 4.26 -12.22
N LYS C 12 17.09 5.31 -11.88
CA LYS C 12 16.38 6.17 -12.83
C LYS C 12 17.38 6.86 -13.75
N LYS C 13 18.38 7.54 -13.16
CA LYS C 13 19.42 8.28 -13.87
C LYS C 13 20.25 7.37 -14.79
N ARG C 14 20.56 6.15 -14.35
CA ARG C 14 21.28 5.18 -15.17
C ARG C 14 20.44 4.79 -16.39
N SER C 15 19.10 4.80 -16.23
CA SER C 15 18.16 4.44 -17.30
C SER C 15 18.05 5.56 -18.32
N GLU C 16 18.15 6.83 -17.85
CA GLU C 16 18.04 8.03 -18.68
C GLU C 16 19.28 8.28 -19.57
N ARG C 17 20.52 8.06 -19.06
CA ARG C 17 21.74 8.27 -19.87
C ARG C 17 22.02 7.04 -20.85
N GLY C 18 22.80 5.99 -20.46
CA GLY C 18 23.36 5.74 -19.14
C GLY C 18 24.86 5.62 -18.90
N SER C 19 25.46 4.47 -19.29
CA SER C 19 26.87 4.11 -19.00
C SER C 19 27.91 4.41 -20.10
N ASP C 20 29.17 4.64 -19.64
CA ASP C 20 30.37 4.91 -20.44
C ASP C 20 31.20 3.61 -20.63
N ALA C 28 35.48 -0.11 -15.58
CA ALA C 28 35.77 1.23 -15.02
C ALA C 28 34.68 1.71 -14.02
N SER C 29 35.13 2.31 -12.89
CA SER C 29 34.31 2.85 -11.79
C SER C 29 33.27 3.85 -12.26
N ASN C 30 31.98 3.65 -11.89
CA ASN C 30 30.88 4.56 -12.25
C ASN C 30 29.78 4.67 -11.18
N LEU C 31 29.16 5.84 -11.12
CA LEU C 31 27.99 6.14 -10.28
C LEU C 31 26.84 6.40 -11.24
N ALA C 32 25.86 5.47 -11.32
CA ALA C 32 24.69 5.53 -12.22
C ALA C 32 25.11 5.70 -13.69
N GLY C 33 26.25 5.10 -14.03
CA GLY C 33 26.83 5.14 -15.37
C GLY C 33 27.92 6.17 -15.56
N ALA C 34 27.86 7.30 -14.80
CA ALA C 34 28.82 8.40 -14.86
C ALA C 34 30.22 7.98 -14.37
N VAL C 35 31.24 8.13 -15.23
CA VAL C 35 32.64 7.78 -14.95
C VAL C 35 33.46 9.05 -14.62
N GLU C 36 33.37 10.09 -15.44
CA GLU C 36 34.09 11.37 -15.29
C GLU C 36 33.56 12.15 -14.10
N PHE C 37 34.44 12.85 -13.35
CA PHE C 37 34.03 13.59 -12.14
C PHE C 37 32.88 14.55 -12.36
N ASN C 38 32.94 15.31 -13.46
CA ASN C 38 32.00 16.39 -13.74
C ASN C 38 30.59 15.89 -14.04
N ASP C 39 30.45 14.70 -14.64
CA ASP C 39 29.13 14.08 -14.87
C ASP C 39 28.63 13.42 -13.57
N VAL C 40 29.58 12.95 -12.67
CA VAL C 40 29.35 12.28 -11.37
C VAL C 40 28.84 13.29 -10.32
N LYS C 41 29.55 14.40 -10.12
CA LYS C 41 29.11 15.41 -9.18
C LYS C 41 27.72 15.89 -9.60
N THR C 42 27.37 15.80 -10.91
CA THR C 42 26.08 16.23 -11.46
C THR C 42 24.95 15.31 -10.95
N LEU C 43 25.14 13.97 -11.03
CA LEU C 43 24.13 13.01 -10.54
C LEU C 43 24.01 13.13 -9.05
N LEU C 44 25.15 13.39 -8.38
CA LEU C 44 25.21 13.63 -6.95
C LEU C 44 24.37 14.86 -6.61
N ARG C 45 24.64 15.97 -7.36
CA ARG C 45 24.06 17.30 -7.25
C ARG C 45 22.59 17.20 -7.21
N GLU C 46 22.04 16.54 -8.23
CA GLU C 46 20.62 16.31 -8.43
C GLU C 46 19.97 15.44 -7.31
N TRP C 47 20.70 14.46 -6.70
CA TRP C 47 20.16 13.57 -5.66
C TRP C 47 19.87 14.29 -4.33
N ILE C 48 20.89 14.91 -3.71
CA ILE C 48 20.75 15.53 -2.38
C ILE C 48 19.73 16.67 -2.41
N THR C 49 19.73 17.43 -3.52
CA THR C 49 18.92 18.63 -3.76
C THR C 49 17.40 18.36 -3.99
N THR C 50 17.03 17.24 -4.69
CA THR C 50 15.67 16.83 -5.08
C THR C 50 14.94 15.92 -4.05
N ILE C 51 15.59 14.81 -3.66
CA ILE C 51 15.06 13.76 -2.79
C ILE C 51 15.10 14.15 -1.30
N SER C 52 13.92 14.14 -0.66
CA SER C 52 13.70 14.49 0.75
C SER C 52 14.03 13.37 1.76
N ASP C 53 13.97 12.10 1.31
CA ASP C 53 14.28 10.91 2.12
C ASP C 53 15.17 10.01 1.27
N PRO C 54 16.50 9.89 1.56
CA PRO C 54 17.33 9.01 0.73
C PRO C 54 17.02 7.53 1.00
N MET C 55 17.10 6.72 -0.06
CA MET C 55 16.85 5.29 -0.05
CA MET C 55 16.85 5.28 -0.02
C MET C 55 18.15 4.55 0.23
N GLU C 56 18.06 3.45 1.01
CA GLU C 56 19.17 2.60 1.36
C GLU C 56 19.90 2.12 0.11
N GLU C 57 19.17 1.78 -0.94
CA GLU C 57 19.76 1.32 -2.20
C GLU C 57 20.71 2.36 -2.78
N ASP C 58 20.25 3.62 -2.84
CA ASP C 58 21.02 4.73 -3.42
C ASP C 58 22.24 5.04 -2.55
N ILE C 59 22.06 5.06 -1.20
CA ILE C 59 23.16 5.27 -0.26
C ILE C 59 24.23 4.18 -0.50
N LEU C 60 23.80 2.92 -0.59
CA LEU C 60 24.72 1.80 -0.80
C LEU C 60 25.35 1.81 -2.18
N GLN C 61 24.66 2.37 -3.20
CA GLN C 61 25.20 2.50 -4.56
C GLN C 61 26.35 3.52 -4.58
N VAL C 62 26.26 4.56 -3.71
CA VAL C 62 27.27 5.61 -3.55
C VAL C 62 28.49 4.99 -2.87
N VAL C 63 28.27 4.29 -1.73
CA VAL C 63 29.32 3.58 -0.97
C VAL C 63 30.09 2.64 -1.92
N LYS C 64 29.39 1.86 -2.77
CA LYS C 64 30.07 0.97 -3.73
C LYS C 64 30.95 1.76 -4.69
N TYR C 65 30.45 2.89 -5.25
CA TYR C 65 31.21 3.73 -6.17
C TYR C 65 32.52 4.17 -5.49
N CYS C 66 32.39 4.74 -4.27
CA CYS C 66 33.52 5.20 -3.48
CA CYS C 66 33.52 5.21 -3.50
C CYS C 66 34.55 4.07 -3.23
N THR C 67 34.09 2.84 -2.86
CA THR C 67 35.01 1.74 -2.58
C THR C 67 35.63 1.20 -3.87
N ASP C 68 34.92 1.37 -5.00
CA ASP C 68 35.43 0.97 -6.31
C ASP C 68 36.56 1.92 -6.71
N LEU C 69 36.47 3.20 -6.29
CA LEU C 69 37.51 4.19 -6.54
C LEU C 69 38.76 3.80 -5.78
N ILE C 70 38.59 3.42 -4.48
CA ILE C 70 39.66 2.94 -3.60
C ILE C 70 40.34 1.71 -4.26
N GLU C 71 39.52 0.79 -4.81
CA GLU C 71 39.95 -0.44 -5.47
C GLU C 71 40.84 -0.17 -6.70
N GLU C 72 40.52 0.87 -7.51
CA GLU C 72 41.32 1.20 -8.70
C GLU C 72 42.38 2.29 -8.36
N LYS C 73 42.60 2.50 -7.04
CA LYS C 73 43.56 3.41 -6.42
C LYS C 73 43.37 4.87 -6.90
N ASP C 74 42.15 5.23 -7.42
CA ASP C 74 41.82 6.58 -7.90
C ASP C 74 41.44 7.48 -6.72
N LEU C 75 42.23 7.39 -5.64
CA LEU C 75 42.05 8.07 -4.35
C LEU C 75 41.91 9.58 -4.51
N GLU C 76 42.34 10.07 -5.70
CA GLU C 76 42.33 11.45 -6.19
C GLU C 76 40.90 11.85 -6.52
N LYS C 77 40.19 11.02 -7.35
CA LYS C 77 38.77 11.27 -7.69
C LYS C 77 37.90 11.14 -6.44
N LEU C 78 38.20 10.13 -5.60
CA LEU C 78 37.56 9.81 -4.32
C LEU C 78 37.62 11.00 -3.38
N ASP C 79 38.74 11.71 -3.40
CA ASP C 79 38.90 12.88 -2.56
C ASP C 79 37.84 13.91 -2.97
N LEU C 80 37.70 14.13 -4.30
CA LEU C 80 36.76 15.08 -4.86
C LEU C 80 35.31 14.67 -4.52
N VAL C 81 34.90 13.40 -4.87
CA VAL C 81 33.56 12.79 -4.66
C VAL C 81 33.12 12.98 -3.19
N ILE C 82 33.99 12.64 -2.20
CA ILE C 82 33.71 12.79 -0.75
C ILE C 82 33.65 14.27 -0.41
N LYS C 83 34.66 15.07 -0.86
CA LYS C 83 34.75 16.51 -0.63
C LYS C 83 33.47 17.24 -1.12
N TYR C 84 32.88 16.74 -2.21
CA TYR C 84 31.67 17.29 -2.81
C TYR C 84 30.43 16.99 -1.95
N MET C 85 30.31 15.73 -1.45
CA MET C 85 29.21 15.22 -0.63
C MET C 85 29.27 15.76 0.77
N LYS C 86 30.50 15.89 1.31
CA LYS C 86 30.81 16.50 2.60
C LYS C 86 30.24 17.92 2.55
N ARG C 87 30.45 18.62 1.39
CA ARG C 87 29.95 19.97 1.16
C ARG C 87 28.40 19.98 1.19
N LEU C 88 27.74 19.35 0.19
CA LEU C 88 26.28 19.33 0.02
C LEU C 88 25.47 18.65 1.15
N MET C 89 25.82 17.41 1.58
CA MET C 89 25.05 16.64 2.58
C MET C 89 25.09 17.22 4.00
N GLN C 90 26.27 17.67 4.47
CA GLN C 90 26.42 18.24 5.81
C GLN C 90 25.64 19.56 5.96
N GLN C 91 25.54 20.32 4.83
CA GLN C 91 24.84 21.61 4.78
C GLN C 91 23.29 21.47 4.51
N SER C 92 22.65 20.29 4.87
CA SER C 92 21.20 19.98 4.80
C SER C 92 20.54 20.18 6.18
N VAL C 93 19.28 20.60 6.17
CA VAL C 93 18.44 20.84 7.34
C VAL C 93 17.89 19.49 7.83
N GLU C 94 17.77 18.53 6.89
CA GLU C 94 17.21 17.20 7.11
C GLU C 94 18.21 16.27 7.74
N SER C 95 17.86 15.70 8.92
CA SER C 95 18.69 14.75 9.68
C SER C 95 19.01 13.49 8.89
N VAL C 96 18.07 13.04 8.04
CA VAL C 96 18.21 11.88 7.17
C VAL C 96 19.43 12.02 6.25
N TRP C 97 19.71 13.25 5.78
CA TRP C 97 20.85 13.49 4.90
C TRP C 97 22.13 13.58 5.70
N ASN C 98 22.03 14.02 6.96
CA ASN C 98 23.18 14.11 7.85
C ASN C 98 23.62 12.71 8.19
N MET C 99 22.65 11.84 8.55
CA MET C 99 22.86 10.42 8.87
C MET C 99 23.35 9.64 7.65
N ALA C 100 22.85 9.96 6.45
CA ALA C 100 23.28 9.31 5.21
C ALA C 100 24.76 9.58 4.95
N PHE C 101 25.24 10.81 5.25
CA PHE C 101 26.64 11.17 5.08
C PHE C 101 27.49 10.38 6.08
N ASP C 102 27.12 10.39 7.39
CA ASP C 102 27.87 9.64 8.41
C ASP C 102 28.06 8.20 7.97
N PHE C 103 26.98 7.52 7.53
CA PHE C 103 27.05 6.15 7.04
C PHE C 103 28.03 6.01 5.87
N ILE C 104 27.93 6.89 4.85
CA ILE C 104 28.82 6.81 3.68
C ILE C 104 30.28 6.98 4.15
N LEU C 105 30.54 8.04 4.93
CA LEU C 105 31.87 8.36 5.46
C LEU C 105 32.42 7.20 6.28
N ASP C 106 31.71 6.78 7.35
CA ASP C 106 32.12 5.69 8.24
C ASP C 106 32.47 4.39 7.47
N ASN C 107 31.69 4.05 6.44
CA ASN C 107 31.93 2.85 5.64
C ASN C 107 33.11 3.01 4.68
N VAL C 108 33.41 4.24 4.28
CA VAL C 108 34.53 4.55 3.37
C VAL C 108 35.82 4.57 4.18
N GLN C 109 35.77 5.21 5.36
CA GLN C 109 36.90 5.34 6.27
C GLN C 109 37.49 3.99 6.63
N VAL C 110 36.61 2.99 6.91
CA VAL C 110 36.95 1.60 7.23
C VAL C 110 37.87 1.02 6.13
N VAL C 111 37.48 1.16 4.86
CA VAL C 111 38.23 0.63 3.71
C VAL C 111 39.56 1.43 3.55
N LEU C 112 39.52 2.74 3.82
CA LEU C 112 40.69 3.61 3.71
C LEU C 112 41.74 3.27 4.79
N GLN C 113 41.27 3.02 6.02
CA GLN C 113 42.05 2.71 7.20
C GLN C 113 42.67 1.29 7.15
N GLN C 114 42.19 0.37 6.25
CA GLN C 114 42.74 -0.99 6.11
C GLN C 114 44.24 -0.91 5.80
N GLY D 1 1.64 2.71 -7.65
CA GLY D 1 1.93 1.72 -8.68
C GLY D 1 1.87 0.30 -8.15
N PRO D 2 2.20 -0.72 -8.98
CA PRO D 2 2.17 -2.12 -8.49
C PRO D 2 3.07 -2.32 -7.28
N HIS D 3 2.67 -3.20 -6.37
CA HIS D 3 3.40 -3.43 -5.12
C HIS D 3 3.18 -4.84 -4.59
N MET D 4 4.16 -5.29 -3.76
CA MET D 4 4.13 -6.59 -3.07
C MET D 4 4.01 -6.36 -1.58
N HIS D 5 3.28 -7.22 -0.88
CA HIS D 5 3.18 -7.09 0.55
C HIS D 5 4.02 -8.16 1.23
N LYS D 6 5.01 -7.74 1.99
CA LYS D 6 5.89 -8.61 2.77
C LYS D 6 5.31 -8.64 4.17
N LYS D 7 4.55 -9.69 4.50
CA LYS D 7 3.89 -9.82 5.80
C LYS D 7 4.71 -10.69 6.71
N SER D 8 5.13 -10.16 7.85
CA SER D 8 5.96 -10.92 8.79
C SER D 8 5.10 -11.94 9.52
N PHE D 9 5.45 -13.23 9.38
CA PHE D 9 4.76 -14.34 10.02
C PHE D 9 4.88 -14.21 11.54
N PHE D 10 6.09 -13.99 12.04
CA PHE D 10 6.34 -13.93 13.47
C PHE D 10 5.71 -12.68 14.10
N ASP D 11 5.58 -11.58 13.35
CA ASP D 11 4.90 -10.38 13.85
C ASP D 11 3.41 -10.68 14.08
N LYS D 12 2.77 -11.38 13.13
CA LYS D 12 1.37 -11.82 13.17
C LYS D 12 1.13 -12.70 14.41
N LYS D 13 1.94 -13.76 14.56
CA LYS D 13 1.85 -14.70 15.67
C LYS D 13 2.06 -14.02 17.01
N ARG D 14 2.99 -13.05 17.10
CA ARG D 14 3.23 -12.29 18.35
C ARG D 14 2.01 -11.41 18.69
N SER D 15 1.38 -10.83 17.66
CA SER D 15 0.19 -9.99 17.74
C SER D 15 -1.05 -10.81 18.19
N GLU D 16 -1.11 -12.10 17.81
CA GLU D 16 -2.17 -13.06 18.15
C GLU D 16 -2.04 -13.61 19.59
N ARG D 17 -0.86 -13.46 20.19
CA ARG D 17 -0.55 -13.92 21.55
C ARG D 17 -0.75 -12.76 22.56
N ALA D 28 14.21 -15.00 29.46
CA ALA D 28 13.22 -14.17 28.77
C ALA D 28 13.27 -14.38 27.22
N SER D 29 14.20 -15.25 26.72
CA SER D 29 14.38 -15.54 25.29
C SER D 29 13.13 -16.16 24.66
N ASN D 30 12.62 -15.45 23.66
CA ASN D 30 11.41 -15.85 22.98
C ASN D 30 11.47 -15.64 21.46
N LEU D 31 10.69 -16.46 20.72
CA LEU D 31 10.46 -16.35 19.29
C LEU D 31 9.00 -16.03 19.12
N ALA D 32 8.66 -14.80 18.72
CA ALA D 32 7.29 -14.30 18.54
C ALA D 32 6.45 -14.44 19.84
N GLY D 33 7.13 -14.32 20.97
CA GLY D 33 6.53 -14.46 22.29
C GLY D 33 6.72 -15.81 22.94
N ALA D 34 6.82 -16.89 22.13
CA ALA D 34 6.98 -18.28 22.59
C ALA D 34 8.34 -18.52 23.25
N VAL D 35 8.32 -19.00 24.52
CA VAL D 35 9.52 -19.26 25.32
C VAL D 35 9.84 -20.74 25.34
N GLU D 36 8.84 -21.60 25.69
CA GLU D 36 9.02 -23.05 25.80
C GLU D 36 9.21 -23.72 24.46
N PHE D 37 10.10 -24.72 24.41
CA PHE D 37 10.48 -25.42 23.19
C PHE D 37 9.30 -26.01 22.39
N ASN D 38 8.28 -26.56 23.05
CA ASN D 38 7.11 -27.11 22.33
C ASN D 38 6.34 -26.01 21.60
N ASP D 39 6.29 -24.79 22.19
CA ASP D 39 5.64 -23.60 21.60
C ASP D 39 6.44 -23.11 20.39
N VAL D 40 7.78 -23.03 20.57
CA VAL D 40 8.73 -22.58 19.56
C VAL D 40 8.67 -23.52 18.34
N LYS D 41 8.68 -24.86 18.57
CA LYS D 41 8.64 -25.81 17.46
C LYS D 41 7.27 -25.80 16.72
N THR D 42 6.19 -25.43 17.40
CA THR D 42 4.86 -25.28 16.80
C THR D 42 4.88 -24.12 15.78
N LEU D 43 5.51 -22.97 16.18
CA LEU D 43 5.69 -21.77 15.37
C LEU D 43 6.55 -22.03 14.16
N LEU D 44 7.69 -22.72 14.37
CA LEU D 44 8.64 -23.04 13.32
C LEU D 44 8.03 -24.00 12.33
N ARG D 45 7.22 -24.97 12.80
CA ARG D 45 6.49 -25.93 11.94
C ARG D 45 5.53 -25.18 11.04
N GLU D 46 4.68 -24.30 11.63
CA GLU D 46 3.70 -23.52 10.89
C GLU D 46 4.39 -22.58 9.89
N TRP D 47 5.54 -22.01 10.28
CA TRP D 47 6.29 -21.11 9.40
C TRP D 47 6.79 -21.85 8.14
N ILE D 48 7.57 -22.92 8.34
CA ILE D 48 8.22 -23.71 7.29
C ILE D 48 7.19 -24.44 6.40
N THR D 49 6.13 -25.01 6.98
CA THR D 49 5.14 -25.77 6.23
C THR D 49 4.01 -24.94 5.60
N THR D 50 3.74 -23.72 6.11
CA THR D 50 2.65 -22.84 5.62
C THR D 50 3.14 -21.80 4.62
N ILE D 51 4.35 -21.22 4.83
CA ILE D 51 4.87 -20.14 4.00
C ILE D 51 5.78 -20.73 2.91
N SER D 52 5.58 -20.24 1.70
CA SER D 52 6.30 -20.69 0.52
C SER D 52 7.63 -19.94 0.34
N ASP D 53 7.63 -18.61 0.60
CA ASP D 53 8.82 -17.76 0.51
C ASP D 53 9.09 -17.12 1.85
N PRO D 54 10.11 -17.59 2.62
CA PRO D 54 10.42 -16.94 3.91
C PRO D 54 10.84 -15.45 3.73
N MET D 55 10.32 -14.57 4.60
CA MET D 55 10.64 -13.12 4.62
C MET D 55 11.97 -12.90 5.36
N GLU D 56 12.79 -11.96 4.84
CA GLU D 56 14.06 -11.54 5.44
C GLU D 56 13.88 -11.23 6.94
N GLU D 57 12.84 -10.43 7.28
CA GLU D 57 12.52 -10.03 8.64
C GLU D 57 12.36 -11.24 9.56
N ASP D 58 11.58 -12.24 9.12
CA ASP D 58 11.29 -13.46 9.88
C ASP D 58 12.56 -14.30 10.04
N ILE D 59 13.38 -14.45 8.97
CA ILE D 59 14.66 -15.16 9.06
C ILE D 59 15.52 -14.48 10.11
N LEU D 60 15.63 -13.14 10.06
CA LEU D 60 16.44 -12.37 11.01
C LEU D 60 15.86 -12.39 12.41
N GLN D 61 14.54 -12.55 12.56
CA GLN D 61 13.89 -12.67 13.87
C GLN D 61 14.23 -14.04 14.52
N VAL D 62 14.45 -15.09 13.69
CA VAL D 62 14.85 -16.42 14.15
C VAL D 62 16.32 -16.34 14.60
N VAL D 63 17.20 -15.74 13.78
CA VAL D 63 18.61 -15.53 14.11
C VAL D 63 18.72 -14.76 15.45
N LYS D 64 17.90 -13.68 15.65
CA LYS D 64 17.92 -12.94 16.92
C LYS D 64 17.52 -13.87 18.10
N TYR D 65 16.45 -14.74 17.93
CA TYR D 65 16.04 -15.68 18.97
C TYR D 65 17.21 -16.58 19.37
N CYS D 66 17.91 -17.19 18.39
CA CYS D 66 19.06 -18.07 18.65
C CYS D 66 20.18 -17.32 19.32
N THR D 67 20.46 -16.06 18.92
CA THR D 67 21.55 -15.31 19.56
C THR D 67 21.16 -14.88 20.97
N ASP D 68 19.85 -14.72 21.22
CA ASP D 68 19.35 -14.39 22.54
C ASP D 68 19.52 -15.60 23.47
N LEU D 69 19.41 -16.82 22.90
CA LEU D 69 19.61 -18.07 23.63
C LEU D 69 21.07 -18.16 24.03
N ILE D 70 21.99 -17.84 23.10
CA ILE D 70 23.44 -17.80 23.32
C ILE D 70 23.75 -16.80 24.46
N GLU D 71 23.09 -15.62 24.42
CA GLU D 71 23.22 -14.54 25.40
C GLU D 71 22.83 -14.98 26.82
N GLU D 72 21.77 -15.81 26.98
CA GLU D 72 21.37 -16.32 28.30
C GLU D 72 21.99 -17.73 28.60
N LYS D 73 23.03 -18.11 27.81
CA LYS D 73 23.84 -19.33 27.88
C LYS D 73 23.01 -20.67 27.81
N ASP D 74 21.74 -20.62 27.32
CA ASP D 74 20.89 -21.80 27.15
C ASP D 74 21.24 -22.53 25.84
N LEU D 75 22.44 -23.15 25.79
CA LEU D 75 22.94 -23.85 24.60
C LEU D 75 22.22 -25.19 24.36
N GLU D 76 21.46 -25.67 25.37
CA GLU D 76 20.65 -26.89 25.29
C GLU D 76 19.50 -26.63 24.35
N LYS D 77 18.72 -25.55 24.63
CA LYS D 77 17.57 -25.13 23.85
C LYS D 77 17.99 -24.80 22.42
N LEU D 78 19.12 -24.07 22.26
CA LEU D 78 19.69 -23.69 20.97
C LEU D 78 19.94 -24.93 20.07
N ASP D 79 20.50 -26.00 20.65
CA ASP D 79 20.77 -27.24 19.92
C ASP D 79 19.46 -27.90 19.45
N LEU D 80 18.42 -27.86 20.30
CA LEU D 80 17.10 -28.40 19.96
C LEU D 80 16.47 -27.62 18.82
N VAL D 81 16.50 -26.27 18.92
CA VAL D 81 15.97 -25.32 17.94
C VAL D 81 16.66 -25.53 16.56
N ILE D 82 18.00 -25.59 16.54
CA ILE D 82 18.77 -25.76 15.30
C ILE D 82 18.53 -27.15 14.70
N LYS D 83 18.57 -28.23 15.51
CA LYS D 83 18.35 -29.61 15.05
C LYS D 83 16.93 -29.78 14.44
N TYR D 84 15.93 -29.12 15.04
CA TYR D 84 14.55 -29.14 14.58
C TYR D 84 14.42 -28.43 13.23
N MET D 85 15.00 -27.21 13.11
CA MET D 85 15.02 -26.40 11.89
C MET D 85 15.79 -27.14 10.81
N LYS D 86 16.91 -27.82 11.16
CA LYS D 86 17.70 -28.60 10.19
C LYS D 86 16.80 -29.60 9.51
N ARG D 87 16.06 -30.40 10.30
CA ARG D 87 15.13 -31.44 9.86
C ARG D 87 14.10 -30.87 8.90
N LEU D 88 13.22 -29.95 9.38
CA LEU D 88 12.14 -29.32 8.61
C LEU D 88 12.60 -28.56 7.38
N MET D 89 13.58 -27.64 7.53
CA MET D 89 14.06 -26.81 6.42
C MET D 89 14.82 -27.62 5.37
N GLN D 90 15.60 -28.67 5.75
CA GLN D 90 16.32 -29.48 4.77
C GLN D 90 15.37 -30.50 4.09
N GLN D 91 14.26 -30.88 4.76
CA GLN D 91 13.20 -31.75 4.23
C GLN D 91 12.48 -31.06 3.07
N SER D 92 12.40 -29.70 3.10
CA SER D 92 11.70 -28.86 2.13
C SER D 92 12.20 -29.06 0.71
N VAL D 93 11.24 -29.01 -0.21
CA VAL D 93 11.38 -29.13 -1.66
C VAL D 93 11.91 -27.79 -2.23
N GLU D 94 11.59 -26.69 -1.53
CA GLU D 94 11.94 -25.32 -1.90
C GLU D 94 13.36 -24.96 -1.48
N SER D 95 14.16 -24.51 -2.46
CA SER D 95 15.56 -24.11 -2.27
C SER D 95 15.71 -22.90 -1.33
N VAL D 96 14.69 -22.01 -1.31
CA VAL D 96 14.62 -20.84 -0.44
C VAL D 96 14.69 -21.24 1.02
N TRP D 97 14.10 -22.39 1.37
CA TRP D 97 14.11 -22.85 2.76
C TRP D 97 15.43 -23.51 3.09
N ASN D 98 16.08 -24.13 2.10
CA ASN D 98 17.39 -24.77 2.26
C ASN D 98 18.42 -23.70 2.53
N MET D 99 18.39 -22.62 1.71
CA MET D 99 19.25 -21.45 1.82
C MET D 99 18.98 -20.68 3.12
N ALA D 100 17.69 -20.58 3.57
CA ALA D 100 17.32 -19.90 4.82
C ALA D 100 17.97 -20.60 5.99
N PHE D 101 18.06 -21.94 5.96
CA PHE D 101 18.70 -22.71 7.04
C PHE D 101 20.20 -22.40 7.07
N ASP D 102 20.89 -22.52 5.92
CA ASP D 102 22.33 -22.21 5.84
C ASP D 102 22.63 -20.85 6.45
N PHE D 103 21.87 -19.79 6.04
CA PHE D 103 22.00 -18.44 6.59
C PHE D 103 21.82 -18.43 8.12
N ILE D 104 20.76 -19.08 8.66
CA ILE D 104 20.51 -19.09 10.09
C ILE D 104 21.71 -19.76 10.79
N LEU D 105 22.11 -20.95 10.33
CA LEU D 105 23.22 -21.70 10.92
C LEU D 105 24.54 -20.90 10.87
N ASP D 106 24.96 -20.45 9.67
CA ASP D 106 26.18 -19.65 9.47
C ASP D 106 26.23 -18.41 10.39
N ASN D 107 25.11 -17.74 10.59
CA ASN D 107 25.03 -16.55 11.45
C ASN D 107 25.00 -16.90 12.93
N VAL D 108 24.61 -18.14 13.28
CA VAL D 108 24.59 -18.60 14.67
C VAL D 108 26.01 -19.02 15.04
N GLN D 109 26.71 -19.70 14.13
CA GLN D 109 28.11 -20.14 14.31
C GLN D 109 29.03 -18.94 14.63
N VAL D 110 28.84 -17.81 13.94
CA VAL D 110 29.57 -16.53 14.12
C VAL D 110 29.46 -16.06 15.59
N VAL D 111 28.23 -16.04 16.13
CA VAL D 111 27.98 -15.61 17.51
C VAL D 111 28.54 -16.65 18.51
N LEU D 112 28.51 -17.96 18.14
CA LEU D 112 29.03 -19.04 18.97
C LEU D 112 30.55 -18.96 19.07
N GLN D 113 31.21 -18.61 17.95
CA GLN D 113 32.66 -18.47 17.79
C GLN D 113 33.22 -17.23 18.54
N GLN D 114 32.36 -16.23 18.89
CA GLN D 114 32.77 -15.05 19.67
C GLN D 114 33.31 -15.44 21.05
N GLY E 1 -49.05 11.78 -7.47
CA GLY E 1 -48.53 12.77 -8.40
C GLY E 1 -47.73 12.10 -9.48
N PRO E 2 -47.24 12.83 -10.53
CA PRO E 2 -46.46 12.17 -11.59
C PRO E 2 -45.24 11.46 -11.05
N HIS E 3 -44.90 10.31 -11.67
CA HIS E 3 -43.80 9.47 -11.20
C HIS E 3 -43.15 8.67 -12.33
N MET E 4 -41.88 8.29 -12.10
CA MET E 4 -41.08 7.46 -13.00
C MET E 4 -40.78 6.12 -12.33
N HIS E 5 -40.77 5.05 -13.12
CA HIS E 5 -40.45 3.74 -12.53
C HIS E 5 -39.06 3.32 -12.99
N LYS E 6 -38.15 3.16 -12.02
CA LYS E 6 -36.79 2.71 -12.26
C LYS E 6 -36.77 1.21 -12.02
N LYS E 7 -36.83 0.42 -13.10
CA LYS E 7 -36.86 -1.04 -13.00
C LYS E 7 -35.48 -1.64 -13.20
N SER E 8 -35.02 -2.43 -12.23
CA SER E 8 -33.73 -3.07 -12.30
C SER E 8 -33.77 -4.25 -13.28
N PHE E 9 -32.94 -4.19 -14.33
CA PHE E 9 -32.83 -5.22 -15.34
C PHE E 9 -32.34 -6.52 -14.73
N PHE E 10 -31.27 -6.46 -13.93
CA PHE E 10 -30.66 -7.65 -13.33
C PHE E 10 -31.58 -8.28 -12.29
N ASP E 11 -32.39 -7.47 -11.59
CA ASP E 11 -33.36 -8.01 -10.64
C ASP E 11 -34.42 -8.86 -11.37
N LYS E 12 -34.91 -8.37 -12.53
CA LYS E 12 -35.90 -9.03 -13.40
C LYS E 12 -35.34 -10.38 -13.87
N LYS E 13 -34.13 -10.37 -14.45
CA LYS E 13 -33.46 -11.55 -14.98
C LYS E 13 -33.19 -12.59 -13.87
N ARG E 14 -32.81 -12.15 -12.66
CA ARG E 14 -32.59 -13.05 -11.53
C ARG E 14 -33.92 -13.70 -11.10
N SER E 15 -35.01 -12.91 -11.14
CA SER E 15 -36.38 -13.31 -10.80
C SER E 15 -36.94 -14.33 -11.79
N GLU E 16 -36.52 -14.23 -13.09
CA GLU E 16 -36.89 -15.12 -14.20
C GLU E 16 -36.16 -16.50 -14.16
N ARG E 17 -35.01 -16.59 -13.47
CA ARG E 17 -34.16 -17.78 -13.35
C ARG E 17 -34.86 -18.88 -12.55
N ALA E 28 -18.64 -18.76 -6.22
CA ALA E 28 -20.08 -18.52 -6.19
C ALA E 28 -20.44 -17.20 -6.90
N SER E 29 -19.42 -16.49 -7.46
CA SER E 29 -19.59 -15.21 -8.17
C SER E 29 -20.57 -15.30 -9.34
N ASN E 30 -21.67 -14.56 -9.23
CA ASN E 30 -22.73 -14.52 -10.22
C ASN E 30 -23.23 -13.10 -10.48
N LEU E 31 -23.71 -12.88 -11.71
CA LEU E 31 -24.37 -11.66 -12.15
C LEU E 31 -25.81 -12.06 -12.48
N ALA E 32 -26.78 -11.62 -11.63
CA ALA E 32 -28.21 -11.93 -11.76
C ALA E 32 -28.46 -13.45 -11.79
N GLY E 33 -27.62 -14.19 -11.07
CA GLY E 33 -27.68 -15.65 -10.98
C GLY E 33 -26.71 -16.38 -11.89
N ALA E 34 -26.36 -15.77 -13.06
CA ALA E 34 -25.47 -16.34 -14.07
C ALA E 34 -24.02 -16.45 -13.58
N VAL E 35 -23.47 -17.67 -13.62
CA VAL E 35 -22.10 -17.97 -13.16
C VAL E 35 -21.14 -18.09 -14.35
N GLU E 36 -21.51 -18.91 -15.37
CA GLU E 36 -20.66 -19.16 -16.54
C GLU E 36 -20.57 -17.95 -17.44
N PHE E 37 -19.37 -17.68 -17.99
CA PHE E 37 -19.09 -16.51 -18.82
C PHE E 37 -20.04 -16.36 -20.01
N ASN E 38 -20.46 -17.46 -20.67
CA ASN E 38 -21.38 -17.37 -21.82
C ASN E 38 -22.75 -16.83 -21.38
N ASP E 39 -23.19 -17.20 -20.16
CA ASP E 39 -24.45 -16.74 -19.56
C ASP E 39 -24.37 -15.26 -19.19
N VAL E 40 -23.23 -14.87 -18.57
CA VAL E 40 -22.94 -13.51 -18.12
C VAL E 40 -22.91 -12.57 -19.34
N LYS E 41 -22.20 -12.96 -20.44
CA LYS E 41 -22.11 -12.10 -21.65
C LYS E 41 -23.46 -11.98 -22.35
N THR E 42 -24.35 -12.99 -22.23
CA THR E 42 -25.70 -12.97 -22.81
C THR E 42 -26.52 -11.87 -22.08
N LEU E 43 -26.41 -11.83 -20.72
CA LEU E 43 -27.06 -10.84 -19.84
C LEU E 43 -26.58 -9.44 -20.13
N LEU E 44 -25.25 -9.25 -20.25
CA LEU E 44 -24.63 -7.96 -20.52
C LEU E 44 -25.02 -7.47 -21.89
N ARG E 45 -25.10 -8.38 -22.90
CA ARG E 45 -25.54 -8.05 -24.26
C ARG E 45 -26.97 -7.54 -24.24
N GLU E 46 -27.89 -8.29 -23.60
CA GLU E 46 -29.30 -7.93 -23.48
C GLU E 46 -29.46 -6.61 -22.72
N TRP E 47 -28.63 -6.37 -21.68
CA TRP E 47 -28.68 -5.14 -20.90
C TRP E 47 -28.32 -3.92 -21.76
N ILE E 48 -27.13 -3.92 -22.38
CA ILE E 48 -26.57 -2.82 -23.17
C ILE E 48 -27.39 -2.56 -24.45
N THR E 49 -27.85 -3.61 -25.13
CA THR E 49 -28.57 -3.47 -26.40
C THR E 49 -30.08 -3.26 -26.25
N THR E 50 -30.69 -3.66 -25.11
CA THR E 50 -32.14 -3.54 -24.87
C THR E 50 -32.51 -2.27 -24.10
N ILE E 51 -31.71 -1.88 -23.09
CA ILE E 51 -31.99 -0.74 -22.22
C ILE E 51 -31.30 0.51 -22.75
N SER E 52 -32.06 1.60 -22.78
CA SER E 52 -31.62 2.89 -23.29
C SER E 52 -30.91 3.71 -22.21
N ASP E 53 -31.42 3.68 -20.96
CA ASP E 53 -30.85 4.38 -19.81
C ASP E 53 -30.48 3.39 -18.72
N PRO E 54 -29.19 3.07 -18.54
CA PRO E 54 -28.80 2.15 -17.45
C PRO E 54 -29.12 2.74 -16.06
N MET E 55 -29.65 1.88 -15.17
CA MET E 55 -30.05 2.22 -13.81
CA MET E 55 -30.02 2.27 -13.81
C MET E 55 -28.84 2.10 -12.87
N GLU E 56 -28.72 3.04 -11.90
CA GLU E 56 -27.66 3.06 -10.91
C GLU E 56 -27.52 1.69 -10.22
N GLU E 57 -28.64 1.10 -9.77
CA GLU E 57 -28.67 -0.20 -9.13
C GLU E 57 -27.98 -1.28 -9.98
N ASP E 58 -28.33 -1.33 -11.30
CA ASP E 58 -27.79 -2.32 -12.22
C ASP E 58 -26.28 -2.10 -12.45
N ILE E 59 -25.86 -0.84 -12.62
CA ILE E 59 -24.45 -0.50 -12.76
C ILE E 59 -23.70 -0.98 -11.51
N LEU E 60 -24.25 -0.71 -10.30
CA LEU E 60 -23.62 -1.12 -9.05
C LEU E 60 -23.66 -2.62 -8.86
N GLN E 61 -24.65 -3.32 -9.45
CA GLN E 61 -24.75 -4.80 -9.38
C GLN E 61 -23.64 -5.43 -10.24
N VAL E 62 -23.23 -4.76 -11.34
CA VAL E 62 -22.16 -5.18 -12.23
C VAL E 62 -20.82 -4.97 -11.49
N VAL E 63 -20.61 -3.78 -10.90
CA VAL E 63 -19.41 -3.46 -10.09
C VAL E 63 -19.26 -4.52 -8.97
N LYS E 64 -20.36 -4.89 -8.27
CA LYS E 64 -20.27 -5.93 -7.23
C LYS E 64 -19.82 -7.28 -7.83
N TYR E 65 -20.38 -7.68 -9.00
CA TYR E 65 -19.97 -8.92 -9.68
C TYR E 65 -18.43 -8.90 -9.94
N CYS E 66 -17.96 -7.83 -10.56
CA CYS E 66 -16.58 -7.56 -10.86
C CYS E 66 -15.69 -7.70 -9.59
N THR E 67 -16.10 -7.06 -8.47
CA THR E 67 -15.31 -7.08 -7.23
C THR E 67 -15.39 -8.45 -6.56
N ASP E 68 -16.48 -9.19 -6.78
CA ASP E 68 -16.65 -10.55 -6.26
C ASP E 68 -15.70 -11.49 -6.98
N LEU E 69 -15.44 -11.20 -8.28
CA LEU E 69 -14.50 -11.99 -9.09
C LEU E 69 -13.11 -11.77 -8.55
N ILE E 70 -12.75 -10.50 -8.24
CA ILE E 70 -11.46 -10.10 -7.65
C ILE E 70 -11.29 -10.83 -6.30
N GLU E 71 -12.35 -10.88 -5.49
CA GLU E 71 -12.42 -11.53 -4.18
C GLU E 71 -12.11 -13.04 -4.26
N GLU E 72 -12.61 -13.74 -5.30
CA GLU E 72 -12.35 -15.18 -5.47
C GLU E 72 -11.12 -15.42 -6.42
N LYS E 73 -10.33 -14.37 -6.64
CA LYS E 73 -9.08 -14.32 -7.44
C LYS E 73 -9.24 -14.78 -8.92
N ASP E 74 -10.47 -14.85 -9.44
CA ASP E 74 -10.73 -15.24 -10.83
C ASP E 74 -10.51 -14.03 -11.76
N LEU E 75 -9.24 -13.58 -11.89
CA LEU E 75 -8.87 -12.42 -12.72
C LEU E 75 -8.95 -12.72 -14.22
N GLU E 76 -9.10 -14.02 -14.57
CA GLU E 76 -9.24 -14.50 -15.95
C GLU E 76 -10.62 -14.08 -16.44
N LYS E 77 -11.68 -14.48 -15.67
CA LYS E 77 -13.08 -14.17 -15.94
C LYS E 77 -13.29 -12.66 -15.97
N LEU E 78 -12.71 -11.94 -14.98
CA LEU E 78 -12.79 -10.48 -14.86
C LEU E 78 -12.30 -9.77 -16.12
N ASP E 79 -11.16 -10.23 -16.70
CA ASP E 79 -10.59 -9.66 -17.92
C ASP E 79 -11.56 -9.85 -19.09
N LEU E 80 -12.22 -11.03 -19.17
CA LEU E 80 -13.18 -11.34 -20.22
C LEU E 80 -14.39 -10.42 -20.10
N VAL E 81 -14.93 -10.29 -18.87
CA VAL E 81 -16.09 -9.48 -18.51
C VAL E 81 -15.83 -7.99 -18.86
N ILE E 82 -14.68 -7.43 -18.45
CA ILE E 82 -14.32 -6.04 -18.70
C ILE E 82 -14.11 -5.78 -20.20
N LYS E 83 -13.35 -6.66 -20.90
CA LYS E 83 -13.07 -6.52 -22.34
C LYS E 83 -14.36 -6.55 -23.16
N TYR E 84 -15.31 -7.42 -22.76
CA TYR E 84 -16.61 -7.55 -23.41
C TYR E 84 -17.45 -6.27 -23.23
N MET E 85 -17.52 -5.76 -21.98
CA MET E 85 -18.23 -4.53 -21.64
C MET E 85 -17.61 -3.34 -22.32
N LYS E 86 -16.27 -3.30 -22.41
CA LYS E 86 -15.54 -2.21 -23.08
C LYS E 86 -16.05 -2.11 -24.51
N ARG E 87 -16.05 -3.24 -25.25
CA ARG E 87 -16.51 -3.37 -26.64
C ARG E 87 -17.93 -2.84 -26.79
N LEU E 88 -18.94 -3.49 -26.15
CA LEU E 88 -20.35 -3.14 -26.24
C LEU E 88 -20.69 -1.73 -25.79
N MET E 89 -20.24 -1.34 -24.57
CA MET E 89 -20.56 -0.02 -24.01
C MET E 89 -19.85 1.12 -24.75
N GLN E 90 -18.61 0.93 -25.25
CA GLN E 90 -17.93 2.00 -26.00
C GLN E 90 -18.44 2.08 -27.45
N GLN E 91 -19.01 0.97 -27.98
CA GLN E 91 -19.65 0.90 -29.31
C GLN E 91 -20.88 1.81 -29.36
N SER E 92 -21.56 1.94 -28.20
CA SER E 92 -22.81 2.68 -28.02
C SER E 92 -22.66 4.16 -28.39
N VAL E 93 -23.73 4.68 -29.02
CA VAL E 93 -23.86 6.07 -29.44
C VAL E 93 -24.29 6.92 -28.24
N GLU E 94 -24.91 6.26 -27.24
CA GLU E 94 -25.43 6.88 -26.03
C GLU E 94 -24.31 7.13 -25.02
N SER E 95 -24.16 8.40 -24.61
CA SER E 95 -23.15 8.85 -23.65
C SER E 95 -23.33 8.20 -22.30
N VAL E 96 -24.60 7.90 -21.92
CA VAL E 96 -24.96 7.25 -20.67
C VAL E 96 -24.27 5.90 -20.54
N TRP E 97 -24.11 5.17 -21.65
CA TRP E 97 -23.46 3.87 -21.64
C TRP E 97 -21.96 4.01 -21.61
N ASN E 98 -21.43 5.11 -22.19
CA ASN E 98 -20.01 5.41 -22.20
C ASN E 98 -19.59 5.74 -20.78
N MET E 99 -20.38 6.61 -20.11
CA MET E 99 -20.19 7.02 -18.71
C MET E 99 -20.35 5.85 -17.74
N ALA E 100 -21.30 4.94 -18.01
CA ALA E 100 -21.53 3.75 -17.19
C ALA E 100 -20.28 2.86 -17.21
N PHE E 101 -19.60 2.74 -18.38
CA PHE E 101 -18.38 1.94 -18.49
C PHE E 101 -17.26 2.59 -17.67
N ASP E 102 -17.00 3.90 -17.86
CA ASP E 102 -15.98 4.62 -17.10
C ASP E 102 -16.15 4.37 -15.60
N PHE E 103 -17.37 4.56 -15.07
CA PHE E 103 -17.67 4.30 -13.65
C PHE E 103 -17.34 2.85 -13.25
N ILE E 104 -17.77 1.86 -14.05
CA ILE E 104 -17.51 0.45 -13.74
C ILE E 104 -16.00 0.21 -13.69
N LEU E 105 -15.29 0.65 -14.74
CA LEU E 105 -13.84 0.50 -14.87
C LEU E 105 -13.11 1.17 -13.71
N ASP E 106 -13.31 2.49 -13.52
CA ASP E 106 -12.69 3.28 -12.47
C ASP E 106 -12.87 2.62 -11.05
N ASN E 107 -14.07 2.06 -10.78
CA ASN E 107 -14.35 1.42 -9.50
C ASN E 107 -13.74 0.05 -9.37
N VAL E 108 -13.46 -0.61 -10.51
CA VAL E 108 -12.84 -1.95 -10.54
C VAL E 108 -11.33 -1.75 -10.35
N GLN E 109 -10.75 -0.75 -11.03
CA GLN E 109 -9.34 -0.41 -10.95
C GLN E 109 -8.90 -0.15 -9.50
N VAL E 110 -9.71 0.58 -8.73
CA VAL E 110 -9.51 0.90 -7.32
C VAL E 110 -9.30 -0.40 -6.52
N VAL E 111 -10.19 -1.39 -6.69
CA VAL E 111 -10.12 -2.66 -5.95
C VAL E 111 -8.90 -3.49 -6.45
N LEU E 112 -8.56 -3.37 -7.75
CA LEU E 112 -7.41 -4.07 -8.34
C LEU E 112 -6.09 -3.51 -7.82
N GLN E 113 -6.02 -2.18 -7.69
CA GLN E 113 -4.88 -1.41 -7.23
C GLN E 113 -4.61 -1.57 -5.70
N GLN E 114 -5.59 -2.05 -4.90
CA GLN E 114 -5.43 -2.29 -3.46
C GLN E 114 -4.27 -3.25 -3.21
N GLY F 1 -47.13 2.03 -12.66
CA GLY F 1 -47.46 1.11 -11.57
C GLY F 1 -47.48 1.81 -10.23
N PRO F 2 -47.63 1.05 -9.11
CA PRO F 2 -47.65 1.70 -7.77
C PRO F 2 -46.35 2.41 -7.48
N HIS F 3 -46.41 3.53 -6.75
CA HIS F 3 -45.25 4.38 -6.47
C HIS F 3 -45.38 5.16 -5.16
N MET F 4 -44.21 5.60 -4.61
CA MET F 4 -44.11 6.45 -3.42
C MET F 4 -43.51 7.79 -3.79
N HIS F 5 -43.95 8.88 -3.13
CA HIS F 5 -43.39 10.19 -3.42
C HIS F 5 -42.43 10.63 -2.31
N LYS F 6 -41.16 10.82 -2.66
CA LYS F 6 -40.15 11.28 -1.72
C LYS F 6 -40.02 12.78 -1.87
N LYS F 7 -40.64 13.57 -0.97
CA LYS F 7 -40.58 15.02 -1.08
C LYS F 7 -39.53 15.62 -0.17
N SER F 8 -38.61 16.41 -0.75
CA SER F 8 -37.53 17.06 -0.01
C SER F 8 -38.09 18.24 0.80
N PHE F 9 -37.93 18.17 2.13
CA PHE F 9 -38.36 19.20 3.06
C PHE F 9 -37.61 20.49 2.80
N PHE F 10 -36.29 20.42 2.69
CA PHE F 10 -35.44 21.60 2.50
C PHE F 10 -35.66 22.23 1.14
N ASP F 11 -36.00 21.44 0.11
CA ASP F 11 -36.30 21.98 -1.21
C ASP F 11 -37.56 22.85 -1.15
N LYS F 12 -38.61 22.37 -0.42
CA LYS F 12 -39.89 23.03 -0.21
C LYS F 12 -39.66 24.38 0.50
N LYS F 13 -38.94 24.35 1.65
CA LYS F 13 -38.63 25.53 2.45
C LYS F 13 -37.80 26.56 1.65
N ARG F 14 -36.86 26.11 0.82
CA ARG F 14 -36.06 27.01 -0.03
C ARG F 14 -36.95 27.67 -1.08
N SER F 15 -37.91 26.90 -1.64
CA SER F 15 -38.89 27.33 -2.64
C SER F 15 -39.87 28.37 -2.05
N GLU F 16 -40.20 28.24 -0.74
CA GLU F 16 -41.10 29.13 0.02
C GLU F 16 -40.45 30.51 0.33
N ARG F 17 -39.16 30.69 -0.07
CA ARG F 17 -38.42 31.95 0.10
C ARG F 17 -38.46 32.73 -1.22
N ALA F 28 -21.56 32.72 3.01
CA ALA F 28 -22.60 32.30 2.07
C ALA F 28 -23.23 30.93 2.44
N SER F 29 -22.67 30.21 3.45
CA SER F 29 -23.15 28.91 3.95
C SER F 29 -24.59 28.98 4.51
N ASN F 30 -25.52 28.35 3.78
CA ASN F 30 -26.95 28.32 4.08
C ASN F 30 -27.55 26.91 4.01
N LEU F 31 -28.62 26.71 4.81
CA LEU F 31 -29.44 25.52 4.84
C LEU F 31 -30.82 25.93 4.35
N ALA F 32 -31.21 25.51 3.13
CA ALA F 32 -32.47 25.84 2.46
C ALA F 32 -32.67 27.37 2.36
N GLY F 33 -31.55 28.09 2.19
CA GLY F 33 -31.53 29.55 2.10
C GLY F 33 -31.17 30.26 3.39
N ALA F 34 -31.52 29.67 4.56
CA ALA F 34 -31.28 30.22 5.90
C ALA F 34 -29.79 30.29 6.24
N VAL F 35 -29.30 31.50 6.58
CA VAL F 35 -27.90 31.76 6.91
C VAL F 35 -27.73 31.89 8.44
N GLU F 36 -28.55 32.72 9.11
CA GLU F 36 -28.45 32.97 10.54
C GLU F 36 -28.89 31.76 11.37
N PHE F 37 -28.16 31.49 12.47
CA PHE F 37 -28.39 30.33 13.33
C PHE F 37 -29.83 30.19 13.84
N ASN F 38 -30.52 31.30 14.17
CA ASN F 38 -31.91 31.22 14.66
C ASN F 38 -32.84 30.71 13.55
N ASP F 39 -32.55 31.07 12.28
CA ASP F 39 -33.32 30.63 11.12
C ASP F 39 -33.06 29.14 10.84
N VAL F 40 -31.78 28.73 10.90
CA VAL F 40 -31.32 27.37 10.68
C VAL F 40 -31.95 26.45 11.74
N LYS F 41 -31.92 26.82 13.04
CA LYS F 41 -32.48 25.97 14.11
C LYS F 41 -34.03 25.88 14.00
N THR F 42 -34.70 26.90 13.43
CA THR F 42 -36.15 26.90 13.21
C THR F 42 -36.48 25.81 12.15
N LEU F 43 -35.68 25.75 11.05
CA LEU F 43 -35.77 24.77 9.97
C LEU F 43 -35.54 23.35 10.46
N LEU F 44 -34.47 23.16 11.26
CA LEU F 44 -34.10 21.86 11.83
C LEU F 44 -35.17 21.38 12.79
N ARG F 45 -35.75 22.29 13.60
CA ARG F 45 -36.85 21.97 14.53
C ARG F 45 -38.07 21.49 13.75
N GLU F 46 -38.50 22.26 12.73
CA GLU F 46 -39.64 21.90 11.87
C GLU F 46 -39.39 20.58 11.15
N TRP F 47 -38.15 20.32 10.71
CA TRP F 47 -37.81 19.08 10.01
C TRP F 47 -37.96 17.87 10.93
N ILE F 48 -37.29 17.88 12.09
CA ILE F 48 -37.24 16.77 13.07
C ILE F 48 -38.61 16.52 13.71
N THR F 49 -39.35 17.59 14.05
CA THR F 49 -40.64 17.48 14.74
C THR F 49 -41.84 17.27 13.81
N THR F 50 -41.74 17.66 12.53
CA THR F 50 -42.85 17.55 11.55
C THR F 50 -42.77 16.26 10.70
N ILE F 51 -41.56 15.87 10.26
CA ILE F 51 -41.35 14.73 9.37
C ILE F 51 -41.07 13.47 10.17
N SER F 52 -41.74 12.38 9.76
CA SER F 52 -41.64 11.09 10.42
C SER F 52 -40.47 10.26 9.91
N ASP F 53 -40.25 10.28 8.56
CA ASP F 53 -39.14 9.57 7.90
C ASP F 53 -38.24 10.57 7.18
N PRO F 54 -37.05 10.90 7.73
CA PRO F 54 -36.14 11.82 7.01
C PRO F 54 -35.68 11.23 5.64
N MET F 55 -35.65 12.09 4.62
CA MET F 55 -35.27 11.75 3.25
CA MET F 55 -35.25 11.70 3.27
C MET F 55 -33.76 11.86 3.08
N GLU F 56 -33.15 10.93 2.31
CA GLU F 56 -31.73 10.89 2.00
C GLU F 56 -31.24 12.26 1.53
N GLU F 57 -31.94 12.88 0.59
CA GLU F 57 -31.60 14.18 0.01
C GLU F 57 -31.47 15.25 1.08
N ASP F 58 -32.44 15.32 2.00
CA ASP F 58 -32.47 16.29 3.09
C ASP F 58 -31.32 16.05 4.07
N ILE F 59 -31.06 14.77 4.43
CA ILE F 59 -29.93 14.42 5.30
C ILE F 59 -28.64 14.91 4.64
N LEU F 60 -28.47 14.63 3.32
CA LEU F 60 -27.27 15.05 2.58
C LEU F 60 -27.19 16.55 2.39
N GLN F 61 -28.33 17.24 2.36
CA GLN F 61 -28.36 18.72 2.27
C GLN F 61 -27.88 19.35 3.57
N VAL F 62 -28.13 18.69 4.73
CA VAL F 62 -27.69 19.11 6.06
C VAL F 62 -26.17 18.91 6.13
N VAL F 63 -25.68 17.70 5.74
CA VAL F 63 -24.25 17.37 5.70
C VAL F 63 -23.52 18.41 4.84
N LYS F 64 -24.06 18.79 3.64
CA LYS F 64 -23.43 19.82 2.79
C LYS F 64 -23.36 21.16 3.53
N TYR F 65 -24.45 21.57 4.22
CA TYR F 65 -24.46 22.82 5.01
C TYR F 65 -23.32 22.80 6.03
N CYS F 66 -23.25 21.74 6.87
CA CYS F 66 -22.22 21.55 7.88
C CYS F 66 -20.78 21.58 7.24
N THR F 67 -20.57 20.97 6.05
CA THR F 67 -19.23 20.97 5.42
C THR F 67 -18.92 22.33 4.78
N ASP F 68 -19.96 23.07 4.41
CA ASP F 68 -19.82 24.42 3.88
C ASP F 68 -19.38 25.36 5.02
N LEU F 69 -19.83 25.07 6.27
CA LEU F 69 -19.44 25.82 7.46
C LEU F 69 -17.96 25.59 7.71
N ILE F 70 -17.51 24.32 7.61
CA ILE F 70 -16.11 23.92 7.78
C ILE F 70 -15.26 24.65 6.72
N GLU F 71 -15.76 24.72 5.48
CA GLU F 71 -15.12 25.39 4.33
C GLU F 71 -14.88 26.88 4.59
N GLU F 72 -15.84 27.60 5.23
CA GLU F 72 -15.68 29.02 5.53
C GLU F 72 -15.13 29.24 6.98
N LYS F 73 -14.57 28.17 7.57
CA LYS F 73 -13.92 28.10 8.89
C LYS F 73 -14.81 28.55 10.09
N ASP F 74 -16.14 28.63 9.89
CA ASP F 74 -17.08 29.01 10.95
C ASP F 74 -17.39 27.79 11.85
N LEU F 75 -16.39 27.32 12.61
CA LEU F 75 -16.50 26.16 13.51
C LEU F 75 -17.36 26.48 14.76
N GLU F 76 -17.65 27.76 15.00
CA GLU F 76 -18.50 28.25 16.09
C GLU F 76 -19.93 27.85 15.79
N LYS F 77 -20.43 28.24 14.58
CA LYS F 77 -21.76 27.95 14.08
C LYS F 77 -21.97 26.45 14.00
N LEU F 78 -20.97 25.72 13.45
CA LEU F 78 -20.98 24.26 13.30
C LEU F 78 -21.25 23.55 14.63
N ASP F 79 -20.57 24.01 15.72
CA ASP F 79 -20.73 23.42 17.06
C ASP F 79 -22.17 23.63 17.56
N LEU F 80 -22.74 24.81 17.30
CA LEU F 80 -24.12 25.15 17.68
C LEU F 80 -25.11 24.24 16.95
N VAL F 81 -24.93 24.11 15.61
CA VAL F 81 -25.73 23.30 14.69
C VAL F 81 -25.73 21.82 15.14
N ILE F 82 -24.55 21.26 15.38
CA ILE F 82 -24.39 19.86 15.80
C ILE F 82 -25.01 19.61 17.19
N LYS F 83 -24.72 20.48 18.19
CA LYS F 83 -25.23 20.34 19.56
C LYS F 83 -26.77 20.38 19.57
N TYR F 84 -27.36 21.27 18.73
CA TYR F 84 -28.81 21.42 18.59
C TYR F 84 -29.44 20.15 18.01
N MET F 85 -28.87 19.63 16.90
CA MET F 85 -29.32 18.43 16.22
C MET F 85 -29.17 17.23 17.13
N LYS F 86 -28.07 17.17 17.92
CA LYS F 86 -27.84 16.08 18.87
C LYS F 86 -29.03 15.98 19.81
N ARG F 87 -29.41 17.11 20.45
CA ARG F 87 -30.54 17.24 21.37
C ARG F 87 -31.83 16.70 20.73
N LEU F 88 -32.32 17.38 19.67
CA LEU F 88 -33.58 17.06 18.99
C LEU F 88 -33.64 15.65 18.41
N MET F 89 -32.63 15.24 17.63
CA MET F 89 -32.62 13.92 16.98
C MET F 89 -32.44 12.77 17.97
N GLN F 90 -31.66 12.96 19.06
CA GLN F 90 -31.48 11.88 20.06
C GLN F 90 -32.70 11.79 21.00
N GLN F 91 -33.45 12.91 21.14
CA GLN F 91 -34.72 12.99 21.90
C GLN F 91 -35.78 12.10 21.28
N SER F 92 -35.73 11.95 19.93
CA SER F 92 -36.68 11.19 19.13
C SER F 92 -36.77 9.72 19.52
N VAL F 93 -37.99 9.20 19.46
CA VAL F 93 -38.37 7.82 19.76
C VAL F 93 -38.08 6.96 18.52
N GLU F 94 -38.08 7.62 17.34
CA GLU F 94 -37.87 7.00 16.03
C GLU F 94 -36.38 6.75 15.76
N SER F 95 -36.03 5.49 15.49
CA SER F 95 -34.66 5.04 15.22
C SER F 95 -34.10 5.71 13.98
N VAL F 96 -34.95 6.00 12.97
CA VAL F 96 -34.60 6.69 11.74
C VAL F 96 -33.95 8.04 12.02
N TRP F 97 -34.41 8.75 13.06
CA TRP F 97 -33.86 10.05 13.39
C TRP F 97 -32.57 9.90 14.18
N ASN F 98 -32.45 8.82 14.94
CA ASN F 98 -31.24 8.52 15.71
C ASN F 98 -30.13 8.20 14.73
N MET F 99 -30.43 7.34 13.73
CA MET F 99 -29.53 6.93 12.66
C MET F 99 -29.15 8.11 11.76
N ALA F 100 -30.10 9.02 11.48
CA ALA F 100 -29.86 10.21 10.67
C ALA F 100 -28.82 11.10 11.33
N PHE F 101 -28.86 11.21 12.69
CA PHE F 101 -27.88 12.01 13.44
C PHE F 101 -26.50 11.36 13.33
N ASP F 102 -26.39 10.05 13.61
CA ASP F 102 -25.11 9.34 13.53
C ASP F 102 -24.46 9.60 12.18
N PHE F 103 -25.23 9.41 11.07
CA PHE F 103 -24.74 9.66 9.71
C PHE F 103 -24.23 11.10 9.55
N ILE F 104 -25.03 12.10 9.99
CA ILE F 104 -24.61 13.51 9.85
C ILE F 104 -23.30 13.74 10.63
N LEU F 105 -23.26 13.32 11.91
CA LEU F 105 -22.09 13.48 12.77
C LEU F 105 -20.85 12.77 12.18
N ASP F 106 -20.95 11.45 11.90
CA ASP F 106 -19.87 10.65 11.34
C ASP F 106 -19.30 11.28 10.04
N ASN F 107 -20.17 11.85 9.18
CA ASN F 107 -19.74 12.48 7.94
C ASN F 107 -19.16 13.86 8.14
N VAL F 108 -19.49 14.52 9.26
CA VAL F 108 -18.94 15.84 9.59
C VAL F 108 -17.54 15.63 10.21
N GLN F 109 -17.39 14.63 11.10
CA GLN F 109 -16.13 14.26 11.73
C GLN F 109 -15.03 13.99 10.69
N VAL F 110 -15.38 13.25 9.61
CA VAL F 110 -14.51 12.91 8.46
C VAL F 110 -13.92 14.19 7.84
N VAL F 111 -14.76 15.20 7.57
CA VAL F 111 -14.33 16.46 6.97
C VAL F 111 -13.50 17.27 7.98
N LEU F 112 -13.83 17.17 9.28
CA LEU F 112 -13.11 17.86 10.36
C LEU F 112 -11.70 17.28 10.52
N GLN F 113 -11.58 15.94 10.41
CA GLN F 113 -10.35 15.15 10.54
C GLN F 113 -9.40 15.34 9.35
N GLN F 114 -9.89 15.84 8.18
CA GLN F 114 -9.05 16.12 7.00
C GLN F 114 -7.95 17.15 7.33
MG MG G . -2.98 14.96 2.08
NI NI H . 24.76 -5.18 10.96
NI NI I . 7.87 -6.42 12.09
MG MG J . -3.47 -14.91 -11.03
MG MG K . 12.27 -13.65 -1.41
NI NI L . 27.15 -7.62 3.94
NI NI M . 18.11 -1.00 -8.36
MG MG N . 29.43 7.61 12.79
MG MG O . 26.57 -23.67 6.35
NI NI P . 1.38 1.99 -5.87
NI NI Q . -1.78 -3.41 -1.20
MG MG R . -30.55 8.15 -15.02
MG MG S . -13.05 7.92 -15.30
NI NI T . -46.67 3.92 -12.13
NI NI U . -33.10 -4.57 -5.93
MG MG V . -21.69 6.50 14.59
NI NI W . -48.17 10.02 -7.50
NI NI X . -33.73 18.51 -5.26
#